data_4HSE
#
_entry.id   4HSE
#
_cell.length_a   60.990
_cell.length_b   60.990
_cell.length_c   213.870
_cell.angle_alpha   90.00
_cell.angle_beta   90.00
_cell.angle_gamma   120.00
#
_symmetry.space_group_name_H-M   'P 31 2 1'
#
loop_
_entity.id
_entity.type
_entity.pdbx_description
1 polymer 'Chaperone protein ClpB'
2 non-polymer GUANIDINE
3 non-polymer "ADENOSINE-5'-DIPHOSPHATE"
4 non-polymer 'CHLORIDE ION'
5 water water
#
_entity_poly.entity_id   1
_entity_poly.type   'polypeptide(L)'
_entity_poly.pdbx_seq_one_letter_code
;GSHMQTEHAESTYNALEQYGIDLTRLAAEGKLDPVIGRDEEIRRVIQILLRRTKNNPVLIGEPGVGKTAIVEGLAQRIVK
GDVPEGLKGKRIVSLQMGSLLAGAKYRGEFEERLKAVIQEVVQSQGEVILFIDELHTVVGAGKAEGAVDAGNMLKPALAR
GELRLIGATTLDEYREIEKDPALERRFQPVYVDEPTVEETISILRGLKEKYEVHHGVRISDSAIIAAATLSHRYITERRL
PDKAIDLIDEAAARLRMALESAPEEIDALERKKLQLEIEREALKKEKDPDSQERLKAIEAEIAKLTEEIAKLRAEWERER
EILRKLREAQHRLDEVRREIELAERQYDLNRAAELRYGELPKLEAEVEALSEKLRGARFVRLEVTEEDIAEIVSRWT
;
_entity_poly.pdbx_strand_id   A
#
# COMPACT_ATOMS: atom_id res chain seq x y z
N ASN A 14 13.29 19.22 -16.66
CA ASN A 14 11.81 19.10 -16.66
C ASN A 14 11.29 19.21 -15.22
N ALA A 15 10.68 20.35 -14.91
CA ALA A 15 10.14 20.63 -13.57
C ALA A 15 9.07 19.63 -13.12
N LEU A 16 8.18 19.25 -14.04
CA LEU A 16 7.13 18.26 -13.76
C LEU A 16 7.66 16.91 -13.30
N GLU A 17 8.79 16.48 -13.86
CA GLU A 17 9.34 15.20 -13.43
C GLU A 17 10.26 15.32 -12.22
N GLN A 18 10.97 16.44 -12.12
CA GLN A 18 11.82 16.69 -10.97
C GLN A 18 11.02 16.89 -9.68
N TYR A 19 9.86 17.54 -9.80
CA TYR A 19 9.08 17.93 -8.62
C TYR A 19 7.68 17.31 -8.56
N GLY A 20 7.44 16.30 -9.40
CA GLY A 20 6.18 15.57 -9.42
C GLY A 20 6.35 14.10 -9.78
N ILE A 21 5.35 13.31 -9.35
CA ILE A 21 5.22 11.92 -9.70
C ILE A 21 4.00 11.79 -10.64
N ASP A 22 4.22 11.20 -11.81
CA ASP A 22 3.20 11.10 -12.83
C ASP A 22 2.33 9.88 -12.55
N LEU A 23 1.17 10.12 -11.95
CA LEU A 23 0.31 9.00 -11.53
C LEU A 23 -0.32 8.26 -12.70
N THR A 24 -0.51 8.94 -13.83
CA THR A 24 -1.00 8.29 -15.04
C THR A 24 0.07 7.39 -15.67
N ARG A 25 1.33 7.81 -15.64
CA ARG A 25 2.41 6.95 -16.11
C ARG A 25 2.54 5.70 -15.24
N LEU A 26 2.47 5.86 -13.92
CA LEU A 26 2.47 4.72 -13.01
C LEU A 26 1.25 3.80 -13.25
N ALA A 27 0.10 4.39 -13.55
CA ALA A 27 -1.12 3.62 -13.87
C ALA A 27 -0.97 2.83 -15.17
N ALA A 28 -0.37 3.46 -16.19
CA ALA A 28 -0.13 2.81 -17.48
C ALA A 28 0.79 1.60 -17.31
N GLU A 29 1.79 1.73 -16.44
CA GLU A 29 2.74 0.66 -16.17
C GLU A 29 2.21 -0.33 -15.14
N GLY A 30 0.94 -0.15 -14.74
CA GLY A 30 0.25 -1.05 -13.82
C GLY A 30 0.90 -1.14 -12.45
N LYS A 31 1.44 -0.02 -11.99
CA LYS A 31 2.23 0.01 -10.77
C LYS A 31 1.48 0.60 -9.56
N LEU A 32 0.20 0.95 -9.74
CA LEU A 32 -0.61 1.46 -8.64
C LEU A 32 -1.44 0.32 -8.08
N ASP A 33 -1.65 0.32 -6.76
CA ASP A 33 -2.49 -0.69 -6.11
C ASP A 33 -3.94 -0.60 -6.61
N PRO A 34 -4.69 -1.72 -6.52
CA PRO A 34 -6.10 -1.63 -6.87
C PRO A 34 -6.83 -0.62 -5.98
N VAL A 35 -7.88 -0.01 -6.54
CA VAL A 35 -8.73 0.90 -5.81
C VAL A 35 -10.10 0.25 -5.76
N ILE A 36 -10.58 -0.02 -4.55
CA ILE A 36 -11.83 -0.78 -4.36
C ILE A 36 -12.92 0.19 -3.96
N GLY A 37 -14.02 0.16 -4.69
CA GLY A 37 -15.12 1.10 -4.45
C GLY A 37 -14.70 2.53 -4.75
N ARG A 38 -15.22 3.46 -3.98
CA ARG A 38 -15.04 4.90 -4.24
C ARG A 38 -15.48 5.30 -5.65
N ASP A 39 -16.42 4.55 -6.22
CA ASP A 39 -16.91 4.82 -7.57
C ASP A 39 -17.65 6.15 -7.63
N GLU A 40 -18.47 6.40 -6.61
CA GLU A 40 -19.20 7.65 -6.52
C GLU A 40 -18.23 8.82 -6.45
N GLU A 41 -17.25 8.74 -5.55
CA GLU A 41 -16.26 9.81 -5.38
C GLU A 41 -15.41 10.05 -6.64
N ILE A 42 -14.99 8.98 -7.33
CA ILE A 42 -14.28 9.11 -8.61
C ILE A 42 -15.13 9.78 -9.71
N ARG A 43 -16.38 9.33 -9.87
CA ARG A 43 -17.34 9.98 -10.79
C ARG A 43 -17.50 11.48 -10.51
N ARG A 44 -17.61 11.83 -9.23
CA ARG A 44 -17.78 13.23 -8.80
C ARG A 44 -16.59 14.08 -9.23
N VAL A 45 -15.38 13.55 -9.06
CA VAL A 45 -14.15 14.26 -9.43
C VAL A 45 -14.09 14.48 -10.94
N ILE A 46 -14.56 13.49 -11.70
CA ILE A 46 -14.55 13.57 -13.17
C ILE A 46 -15.49 14.67 -13.57
N GLN A 47 -16.68 14.63 -12.96
CA GLN A 47 -17.76 15.55 -13.27
C GLN A 47 -17.34 17.00 -13.05
N ILE A 48 -16.66 17.26 -11.93
CA ILE A 48 -16.17 18.60 -11.61
C ILE A 48 -15.09 19.02 -12.62
N LEU A 49 -14.14 18.15 -12.90
CA LEU A 49 -13.04 18.50 -13.82
C LEU A 49 -13.53 18.91 -15.21
N LEU A 50 -14.70 18.43 -15.61
CA LEU A 50 -15.26 18.69 -16.92
C LEU A 50 -16.10 19.98 -17.03
N ARG A 51 -16.31 20.67 -15.91
CA ARG A 51 -17.00 21.98 -15.91
C ARG A 51 -16.07 23.03 -16.46
N ARG A 52 -16.66 24.14 -16.93
CA ARG A 52 -15.90 25.31 -17.36
C ARG A 52 -15.36 26.15 -16.21
N THR A 53 -16.13 26.23 -15.13
CA THR A 53 -15.69 27.01 -13.93
C THR A 53 -15.83 26.22 -12.63
N LYS A 54 -15.17 26.71 -11.58
CA LYS A 54 -14.92 25.94 -10.35
C LYS A 54 -14.77 24.44 -10.61
N ASN A 55 -13.80 24.13 -11.45
CA ASN A 55 -13.59 22.78 -11.93
C ASN A 55 -12.32 22.16 -11.34
N ASN A 56 -11.95 22.64 -10.14
CA ASN A 56 -10.80 22.12 -9.40
C ASN A 56 -11.29 21.41 -8.13
N PRO A 57 -11.49 20.08 -8.20
CA PRO A 57 -12.07 19.39 -7.05
C PRO A 57 -11.08 19.34 -5.89
N VAL A 58 -11.55 19.56 -4.66
CA VAL A 58 -10.71 19.40 -3.48
C VAL A 58 -11.30 18.34 -2.56
N LEU A 59 -10.58 17.22 -2.45
CA LEU A 59 -10.96 16.13 -1.58
C LEU A 59 -10.67 16.54 -0.16
N ILE A 60 -11.71 16.49 0.67
CA ILE A 60 -11.69 16.94 2.04
C ILE A 60 -12.17 15.78 2.93
N GLY A 61 -11.32 15.40 3.88
CA GLY A 61 -11.53 14.20 4.71
C GLY A 61 -10.33 13.94 5.60
N GLU A 62 -10.56 13.18 6.66
CA GLU A 62 -9.54 12.92 7.68
C GLU A 62 -8.33 12.15 7.14
N PRO A 63 -7.15 12.27 7.81
CA PRO A 63 -5.97 11.50 7.30
C PRO A 63 -6.27 10.00 7.24
N GLY A 64 -5.84 9.34 6.17
CA GLY A 64 -5.95 7.87 6.03
C GLY A 64 -7.27 7.31 5.47
N VAL A 65 -8.17 8.21 5.13
CA VAL A 65 -9.51 7.87 4.71
C VAL A 65 -9.57 7.40 3.24
N GLY A 66 -8.59 7.80 2.43
CA GLY A 66 -8.52 7.30 1.06
C GLY A 66 -8.63 8.35 -0.02
N LYS A 67 -8.28 9.60 0.30
CA LYS A 67 -8.27 10.70 -0.66
C LYS A 67 -7.26 10.47 -1.79
N THR A 68 -6.03 10.08 -1.47
CA THR A 68 -5.02 9.80 -2.50
C THR A 68 -5.41 8.60 -3.35
N ALA A 69 -6.02 7.59 -2.73
CA ALA A 69 -6.48 6.41 -3.49
C ALA A 69 -7.55 6.77 -4.52
N ILE A 70 -8.40 7.75 -4.18
CA ILE A 70 -9.41 8.24 -5.13
C ILE A 70 -8.75 8.83 -6.39
N VAL A 71 -7.71 9.65 -6.18
CA VAL A 71 -6.99 10.24 -7.29
C VAL A 71 -6.29 9.15 -8.10
N GLU A 72 -5.69 8.16 -7.43
CA GLU A 72 -5.08 7.03 -8.14
C GLU A 72 -6.12 6.23 -8.94
N GLY A 73 -7.29 5.99 -8.35
CA GLY A 73 -8.39 5.34 -9.11
C GLY A 73 -8.70 6.08 -10.40
N LEU A 74 -8.71 7.41 -10.33
CA LEU A 74 -8.96 8.25 -11.51
C LEU A 74 -7.89 8.10 -12.59
N ALA A 75 -6.63 8.07 -12.18
CA ALA A 75 -5.53 7.87 -13.10
C ALA A 75 -5.67 6.55 -13.84
N GLN A 76 -6.12 5.52 -13.12
CA GLN A 76 -6.37 4.19 -13.69
C GLN A 76 -7.46 4.24 -14.75
N ARG A 77 -8.56 4.92 -14.43
CA ARG A 77 -9.65 5.10 -15.39
C ARG A 77 -9.22 5.87 -16.64
N ILE A 78 -8.40 6.91 -16.48
CA ILE A 78 -7.89 7.66 -17.64
C ILE A 78 -7.08 6.76 -18.58
N VAL A 79 -6.13 6.03 -18.03
CA VAL A 79 -5.26 5.13 -18.79
C VAL A 79 -6.05 4.00 -19.49
N LYS A 80 -7.08 3.46 -18.83
CA LYS A 80 -7.98 2.52 -19.50
C LYS A 80 -8.88 3.18 -20.56
N GLY A 81 -9.10 4.48 -20.43
CA GLY A 81 -9.95 5.22 -21.38
C GLY A 81 -11.40 5.25 -20.95
N ASP A 82 -11.67 4.85 -19.72
CA ASP A 82 -13.01 4.86 -19.13
C ASP A 82 -13.39 6.23 -18.54
N VAL A 83 -13.12 7.27 -19.33
CA VAL A 83 -13.43 8.62 -18.93
C VAL A 83 -14.15 9.27 -20.11
N PRO A 84 -14.99 10.29 -19.85
CA PRO A 84 -15.57 11.01 -21.00
C PRO A 84 -14.50 11.67 -21.87
N GLU A 85 -14.89 12.09 -23.08
CA GLU A 85 -13.97 12.71 -24.04
C GLU A 85 -13.00 13.76 -23.47
N GLY A 86 -13.53 14.72 -22.71
CA GLY A 86 -12.73 15.79 -22.13
C GLY A 86 -11.54 15.38 -21.25
N LEU A 87 -11.52 14.12 -20.79
CA LEU A 87 -10.43 13.65 -19.92
C LEU A 87 -9.53 12.60 -20.55
N LYS A 88 -9.85 12.19 -21.78
CA LYS A 88 -9.05 11.24 -22.53
C LYS A 88 -7.68 11.84 -22.82
N GLY A 89 -6.63 11.10 -22.51
CA GLY A 89 -5.27 11.54 -22.80
C GLY A 89 -4.67 12.50 -21.79
N LYS A 90 -5.39 12.75 -20.69
CA LYS A 90 -4.92 13.65 -19.61
C LYS A 90 -3.91 12.95 -18.69
N ARG A 91 -2.99 13.74 -18.15
CA ARG A 91 -2.02 13.26 -17.17
C ARG A 91 -2.35 13.86 -15.81
N ILE A 92 -2.13 13.10 -14.76
CA ILE A 92 -2.21 13.62 -13.40
C ILE A 92 -0.81 13.54 -12.79
N VAL A 93 -0.27 14.69 -12.43
CA VAL A 93 1.05 14.76 -11.79
C VAL A 93 0.87 15.20 -10.32
N SER A 94 1.36 14.39 -9.39
CA SER A 94 1.27 14.68 -7.97
C SER A 94 2.45 15.54 -7.55
N LEU A 95 2.17 16.76 -7.12
CA LEU A 95 3.21 17.71 -6.67
C LEU A 95 3.97 17.19 -5.45
N GLN A 96 5.30 17.21 -5.53
CA GLN A 96 6.15 16.69 -4.44
C GLN A 96 6.81 17.82 -3.66
N MET A 97 6.18 18.16 -2.53
CA MET A 97 6.68 19.20 -1.65
C MET A 97 8.10 18.95 -1.14
N GLY A 98 8.41 17.69 -0.83
CA GLY A 98 9.75 17.32 -0.35
C GLY A 98 10.83 17.60 -1.38
N SER A 99 10.57 17.26 -2.64
CA SER A 99 11.49 17.54 -3.75
C SER A 99 11.70 19.05 -3.99
N LEU A 100 10.62 19.82 -3.82
CA LEU A 100 10.66 21.29 -4.01
C LEU A 100 11.49 21.99 -2.95
N LEU A 101 11.40 21.49 -1.72
CA LEU A 101 12.14 22.09 -0.60
C LEU A 101 13.59 21.63 -0.52
N ALA A 102 13.88 20.48 -1.13
CA ALA A 102 15.17 19.80 -0.91
C ALA A 102 16.31 20.58 -1.56
N GLY A 103 17.23 21.07 -0.73
CA GLY A 103 18.37 21.86 -1.18
C GLY A 103 18.00 23.28 -1.62
N ALA A 104 16.79 23.72 -1.27
CA ALA A 104 16.37 25.10 -1.53
C ALA A 104 16.77 25.95 -0.32
N LYS A 105 18.02 26.39 -0.30
CA LYS A 105 18.59 27.00 0.90
C LYS A 105 18.30 28.49 0.99
N TYR A 106 18.16 29.14 -0.16
CA TYR A 106 17.95 30.58 -0.20
C TYR A 106 16.53 30.93 -0.60
N ARG A 107 15.99 32.01 -0.04
CA ARG A 107 14.74 32.61 -0.48
C ARG A 107 14.74 32.82 -1.99
N GLY A 108 13.65 32.44 -2.64
CA GLY A 108 13.52 32.57 -4.09
C GLY A 108 13.69 31.25 -4.81
N GLU A 109 14.42 30.31 -4.21
CA GLU A 109 14.63 28.99 -4.83
C GLU A 109 13.38 28.13 -4.89
N PHE A 110 12.66 28.04 -3.77
CA PHE A 110 11.41 27.26 -3.75
C PHE A 110 10.41 27.85 -4.73
N GLU A 111 10.29 29.16 -4.64
CA GLU A 111 9.33 29.93 -5.41
C GLU A 111 9.61 29.78 -6.92
N GLU A 112 10.89 29.86 -7.30
CA GLU A 112 11.31 29.62 -8.69
C GLU A 112 11.03 28.20 -9.17
N ARG A 113 11.20 27.21 -8.29
CA ARG A 113 10.92 25.83 -8.66
C ARG A 113 9.43 25.60 -8.96
N LEU A 114 8.58 26.13 -8.08
CA LEU A 114 7.15 25.96 -8.20
C LEU A 114 6.59 26.69 -9.44
N LYS A 115 7.18 27.84 -9.78
CA LYS A 115 6.77 28.59 -10.98
C LYS A 115 7.15 27.85 -12.26
N ALA A 116 8.30 27.19 -12.26
CA ALA A 116 8.65 26.31 -13.38
C ALA A 116 7.62 25.19 -13.57
N VAL A 117 7.14 24.61 -12.46
CA VAL A 117 6.13 23.55 -12.50
C VAL A 117 4.79 24.07 -13.04
N ILE A 118 4.36 25.22 -12.50
CA ILE A 118 3.14 25.87 -12.94
C ILE A 118 3.21 26.25 -14.41
N GLN A 119 4.35 26.78 -14.86
CA GLN A 119 4.56 27.14 -16.26
CA GLN A 119 4.50 27.15 -16.27
C GLN A 119 4.42 25.93 -17.19
N GLU A 120 4.92 24.78 -16.73
CA GLU A 120 4.83 23.55 -17.55
C GLU A 120 3.42 23.03 -17.64
N VAL A 121 2.67 23.14 -16.55
CA VAL A 121 1.25 22.82 -16.52
C VAL A 121 0.46 23.72 -17.48
N VAL A 122 0.76 25.02 -17.47
CA VAL A 122 0.15 26.00 -18.37
C VAL A 122 0.51 25.71 -19.83
N GLN A 123 1.78 25.34 -20.06
CA GLN A 123 2.26 24.97 -21.39
C GLN A 123 1.61 23.71 -21.98
N SER A 124 1.19 22.79 -21.12
CA SER A 124 0.51 21.57 -21.56
C SER A 124 -0.89 21.84 -22.12
N GLN A 125 -1.40 23.04 -21.87
CA GLN A 125 -2.71 23.50 -22.37
C GLN A 125 -3.88 22.60 -21.99
N GLY A 126 -3.98 22.28 -20.70
CA GLY A 126 -5.09 21.50 -20.17
C GLY A 126 -4.85 20.01 -20.10
N GLU A 127 -3.74 19.54 -20.67
CA GLU A 127 -3.46 18.10 -20.70
CA GLU A 127 -3.41 18.11 -20.70
C GLU A 127 -2.91 17.56 -19.36
N VAL A 128 -2.22 18.41 -18.60
CA VAL A 128 -1.74 18.02 -17.26
C VAL A 128 -2.62 18.60 -16.15
N ILE A 129 -3.14 17.72 -15.30
CA ILE A 129 -3.86 18.14 -14.09
C ILE A 129 -2.91 17.92 -12.91
N LEU A 130 -2.74 18.96 -12.10
CA LEU A 130 -1.84 18.91 -10.97
C LEU A 130 -2.58 18.41 -9.72
N PHE A 131 -2.15 17.28 -9.17
CA PHE A 131 -2.65 16.84 -7.87
C PHE A 131 -1.77 17.40 -6.75
N ILE A 132 -2.38 18.18 -5.86
CA ILE A 132 -1.66 18.74 -4.71
C ILE A 132 -2.23 18.20 -3.39
N ASP A 133 -1.61 17.13 -2.90
CA ASP A 133 -1.94 16.58 -1.60
C ASP A 133 -1.50 17.58 -0.53
N GLU A 134 -2.13 17.52 0.65
CA GLU A 134 -1.89 18.46 1.75
C GLU A 134 -1.90 19.90 1.23
N LEU A 135 -2.99 20.27 0.56
CA LEU A 135 -3.10 21.55 -0.17
C LEU A 135 -2.79 22.77 0.71
N HIS A 136 -3.20 22.70 1.97
CA HIS A 136 -2.97 23.77 2.97
C HIS A 136 -1.50 24.13 3.19
N THR A 137 -0.60 23.20 2.90
CA THR A 137 0.83 23.44 3.02
C THR A 137 1.38 24.26 1.84
N VAL A 138 0.54 24.48 0.83
CA VAL A 138 0.92 25.20 -0.39
C VAL A 138 0.18 26.53 -0.51
N VAL A 139 -1.05 26.56 -0.01
CA VAL A 139 -1.88 27.75 -0.04
C VAL A 139 -2.38 28.02 1.38
N GLY A 140 -2.05 29.19 1.91
CA GLY A 140 -2.31 29.52 3.31
C GLY A 140 -1.02 30.00 3.93
N ALA A 141 -1.02 30.24 5.25
CA ALA A 141 0.17 30.73 5.97
C ALA A 141 1.28 29.67 6.03
N VAL A 148 4.06 28.28 4.68
CA VAL A 148 4.57 28.26 3.31
C VAL A 148 3.47 28.74 2.34
N ASP A 149 3.55 30.01 1.94
CA ASP A 149 2.47 30.66 1.19
C ASP A 149 2.78 30.85 -0.29
N ALA A 150 2.04 30.13 -1.13
CA ALA A 150 2.24 30.17 -2.58
C ALA A 150 0.93 30.33 -3.36
N GLY A 151 -0.12 30.79 -2.67
CA GLY A 151 -1.43 31.02 -3.31
C GLY A 151 -1.40 32.00 -4.46
N ASN A 152 -0.55 33.04 -4.35
CA ASN A 152 -0.40 34.07 -5.39
C ASN A 152 0.13 33.55 -6.73
N MET A 153 0.96 32.52 -6.66
CA MET A 153 1.60 31.92 -7.84
C MET A 153 0.64 31.03 -8.64
N LEU A 154 -0.41 30.57 -8.00
CA LEU A 154 -1.39 29.70 -8.63
C LEU A 154 -2.64 30.44 -9.08
N LYS A 155 -2.97 31.50 -8.34
CA LYS A 155 -4.22 32.25 -8.54
C LYS A 155 -4.49 32.75 -9.96
N PRO A 156 -3.49 33.40 -10.62
CA PRO A 156 -3.77 33.88 -11.97
C PRO A 156 -4.08 32.73 -12.93
N ALA A 157 -3.26 31.69 -12.93
CA ALA A 157 -3.48 30.52 -13.78
C ALA A 157 -4.85 29.86 -13.57
N LEU A 158 -5.27 29.73 -12.31
CA LEU A 158 -6.61 29.28 -11.97
C LEU A 158 -7.70 30.19 -12.52
N ALA A 159 -7.54 31.49 -12.28
CA ALA A 159 -8.51 32.52 -12.71
C ALA A 159 -8.78 32.49 -14.21
N ARG A 160 -7.70 32.33 -14.98
CA ARG A 160 -7.76 32.28 -16.44
C ARG A 160 -8.11 30.89 -17.01
N GLY A 161 -8.21 29.90 -16.12
CA GLY A 161 -8.58 28.55 -16.50
C GLY A 161 -7.53 27.81 -17.29
N GLU A 162 -6.27 28.24 -17.14
CA GLU A 162 -5.13 27.65 -17.87
C GLU A 162 -4.44 26.55 -17.05
N LEU A 163 -4.90 26.35 -15.82
CA LEU A 163 -4.35 25.34 -14.92
C LEU A 163 -5.49 24.69 -14.15
N ARG A 164 -5.55 23.36 -14.19
CA ARG A 164 -6.46 22.61 -13.35
C ARG A 164 -5.71 21.89 -12.26
N LEU A 165 -6.31 21.84 -11.07
CA LEU A 165 -5.72 21.10 -9.97
C LEU A 165 -6.73 20.21 -9.27
N ILE A 166 -6.23 19.14 -8.67
CA ILE A 166 -6.96 18.38 -7.68
C ILE A 166 -6.24 18.57 -6.36
N GLY A 167 -7.00 18.95 -5.33
CA GLY A 167 -6.44 19.10 -3.99
C GLY A 167 -6.90 18.02 -3.01
N ALA A 168 -6.11 17.84 -1.96
CA ALA A 168 -6.52 17.01 -0.83
C ALA A 168 -6.14 17.69 0.47
N THR A 169 -7.07 17.69 1.41
CA THR A 169 -6.85 18.35 2.70
C THR A 169 -7.90 17.85 3.70
N THR A 170 -7.79 18.29 4.95
CA THR A 170 -8.77 18.00 5.99
C THR A 170 -9.80 19.11 6.06
N LEU A 171 -10.95 18.82 6.68
CA LEU A 171 -12.02 19.80 6.80
C LEU A 171 -11.61 21.07 7.57
N ASP A 172 -10.97 20.90 8.71
CA ASP A 172 -10.62 22.04 9.57
C ASP A 172 -9.62 22.97 8.88
N GLU A 173 -8.78 22.41 8.02
CA GLU A 173 -7.85 23.23 7.23
C GLU A 173 -8.44 23.82 5.95
N TYR A 174 -9.46 23.17 5.40
CA TYR A 174 -10.17 23.75 4.26
C TYR A 174 -11.00 24.99 4.67
N ARG A 175 -11.48 24.99 5.91
CA ARG A 175 -12.17 26.14 6.52
C ARG A 175 -11.38 27.44 6.34
N GLU A 176 -10.05 27.33 6.48
CA GLU A 176 -9.15 28.47 6.36
C GLU A 176 -8.87 28.86 4.91
N ILE A 177 -8.72 27.87 4.03
CA ILE A 177 -8.51 28.11 2.60
C ILE A 177 -9.74 28.78 1.99
N GLU A 178 -10.91 28.37 2.47
CA GLU A 178 -12.19 28.85 1.97
C GLU A 178 -12.44 30.34 2.23
N LYS A 179 -11.82 30.87 3.30
CA LYS A 179 -11.92 32.28 3.66
C LYS A 179 -11.43 33.20 2.54
N ASP A 180 -10.41 32.73 1.81
CA ASP A 180 -9.94 33.42 0.61
C ASP A 180 -11.00 33.32 -0.49
N PRO A 181 -11.64 34.46 -0.83
CA PRO A 181 -12.79 34.46 -1.75
C PRO A 181 -12.45 34.02 -3.17
N ALA A 182 -11.22 34.32 -3.60
CA ALA A 182 -10.76 33.97 -4.93
C ALA A 182 -10.69 32.45 -5.11
N LEU A 183 -10.27 31.76 -4.05
CA LEU A 183 -10.12 30.31 -4.09
C LEU A 183 -11.46 29.57 -3.96
N GLU A 184 -12.36 30.06 -3.11
CA GLU A 184 -13.64 29.36 -2.90
C GLU A 184 -14.47 29.25 -4.17
N ARG A 185 -14.35 30.23 -5.07
CA ARG A 185 -15.01 30.14 -6.37
C ARG A 185 -14.27 29.23 -7.36
N ARG A 186 -12.98 29.00 -7.15
CA ARG A 186 -12.20 28.14 -8.04
C ARG A 186 -12.30 26.68 -7.62
N PHE A 187 -12.34 26.44 -6.32
CA PHE A 187 -12.32 25.09 -5.76
C PHE A 187 -13.74 24.55 -5.54
N GLN A 188 -13.91 23.25 -5.78
CA GLN A 188 -15.14 22.55 -5.43
C GLN A 188 -14.86 21.47 -4.39
N PRO A 189 -15.38 21.68 -3.15
CA PRO A 189 -15.29 20.69 -2.08
C PRO A 189 -15.95 19.34 -2.42
N VAL A 190 -15.21 18.25 -2.17
CA VAL A 190 -15.76 16.89 -2.25
C VAL A 190 -15.48 16.28 -0.89
N TYR A 191 -16.54 16.02 -0.13
CA TYR A 191 -16.37 15.49 1.23
C TYR A 191 -16.24 13.98 1.21
N VAL A 192 -15.10 13.49 1.70
CA VAL A 192 -14.77 12.08 1.66
C VAL A 192 -14.94 11.52 3.06
N ASP A 193 -15.95 10.68 3.23
CA ASP A 193 -16.21 10.11 4.53
C ASP A 193 -15.34 8.86 4.71
N GLU A 194 -15.20 8.40 5.95
CA GLU A 194 -14.48 7.19 6.24
C GLU A 194 -15.32 5.99 5.79
N PRO A 195 -14.69 4.97 5.20
CA PRO A 195 -15.46 3.78 4.82
C PRO A 195 -16.00 3.03 6.04
N THR A 196 -17.14 2.36 5.90
CA THR A 196 -17.58 1.42 6.95
C THR A 196 -16.62 0.23 7.11
N VAL A 197 -16.84 -0.52 8.18
CA VAL A 197 -16.16 -1.79 8.43
C VAL A 197 -16.30 -2.75 7.24
N GLU A 198 -17.52 -2.89 6.71
CA GLU A 198 -17.83 -3.70 5.52
C GLU A 198 -17.02 -3.30 4.28
N GLU A 199 -17.04 -2.02 3.97
CA GLU A 199 -16.26 -1.47 2.87
C GLU A 199 -14.75 -1.65 3.10
N THR A 200 -14.32 -1.54 4.35
CA THR A 200 -12.91 -1.73 4.69
C THR A 200 -12.48 -3.18 4.46
N ILE A 201 -13.33 -4.11 4.90
CA ILE A 201 -13.12 -5.55 4.65
C ILE A 201 -12.95 -5.82 3.15
N SER A 202 -13.83 -5.25 2.32
CA SER A 202 -13.72 -5.32 0.86
C SER A 202 -12.42 -4.71 0.34
N ILE A 203 -12.06 -3.55 0.86
CA ILE A 203 -10.77 -2.93 0.52
C ILE A 203 -9.62 -3.86 0.88
N LEU A 204 -9.62 -4.39 2.10
CA LEU A 204 -8.55 -5.34 2.52
C LEU A 204 -8.48 -6.57 1.64
N ARG A 205 -9.63 -7.17 1.32
CA ARG A 205 -9.68 -8.37 0.44
C ARG A 205 -9.10 -8.06 -0.93
N GLY A 206 -9.36 -6.84 -1.42
CA GLY A 206 -8.82 -6.37 -2.68
C GLY A 206 -7.32 -6.12 -2.64
N LEU A 207 -6.79 -5.74 -1.47
CA LEU A 207 -5.36 -5.45 -1.35
C LEU A 207 -4.52 -6.64 -0.84
N LYS A 208 -5.20 -7.68 -0.38
CA LYS A 208 -4.59 -8.81 0.32
C LYS A 208 -3.39 -9.44 -0.40
N GLU A 209 -3.56 -9.75 -1.68
CA GLU A 209 -2.48 -10.37 -2.47
C GLU A 209 -1.18 -9.53 -2.47
N LYS A 210 -1.28 -8.22 -2.57
CA LYS A 210 -0.07 -7.36 -2.52
C LYS A 210 0.72 -7.58 -1.23
N TYR A 211 0.01 -7.71 -0.12
CA TYR A 211 0.66 -7.88 1.17
C TYR A 211 1.20 -9.29 1.37
N GLU A 212 0.49 -10.27 0.83
CA GLU A 212 0.94 -11.64 0.87
C GLU A 212 2.21 -11.80 0.06
N VAL A 213 2.21 -11.22 -1.13
CA VAL A 213 3.36 -11.31 -2.02
C VAL A 213 4.55 -10.56 -1.42
N HIS A 214 4.33 -9.33 -0.96
CA HIS A 214 5.44 -8.57 -0.40
C HIS A 214 6.08 -9.30 0.79
N HIS A 215 5.28 -9.74 1.76
CA HIS A 215 5.81 -10.31 3.00
C HIS A 215 6.12 -11.81 2.91
N GLY A 216 5.70 -12.45 1.82
CA GLY A 216 5.95 -13.89 1.64
C GLY A 216 5.16 -14.75 2.62
N VAL A 217 3.93 -14.32 2.92
CA VAL A 217 3.06 -15.07 3.84
C VAL A 217 1.66 -15.16 3.26
N ARG A 218 0.74 -15.79 3.99
CA ARG A 218 -0.67 -15.78 3.60
C ARG A 218 -1.49 -15.12 4.70
N ILE A 219 -2.62 -14.54 4.31
CA ILE A 219 -3.42 -13.77 5.24
C ILE A 219 -4.86 -14.31 5.20
N SER A 220 -5.34 -14.81 6.34
CA SER A 220 -6.67 -15.40 6.39
C SER A 220 -7.72 -14.31 6.27
N ASP A 221 -8.90 -14.70 5.80
CA ASP A 221 -10.01 -13.78 5.75
C ASP A 221 -10.38 -13.30 7.15
N SER A 222 -10.30 -14.20 8.15
CA SER A 222 -10.71 -13.81 9.50
C SER A 222 -9.75 -12.79 10.12
N ALA A 223 -8.44 -12.89 9.81
CA ALA A 223 -7.52 -11.82 10.15
C ALA A 223 -7.97 -10.44 9.58
N ILE A 224 -8.38 -10.44 8.32
CA ILE A 224 -8.95 -9.26 7.66
C ILE A 224 -10.19 -8.70 8.36
N ILE A 225 -11.15 -9.58 8.68
CA ILE A 225 -12.35 -9.18 9.39
C ILE A 225 -11.98 -8.58 10.76
N ALA A 226 -11.07 -9.24 11.47
CA ALA A 226 -10.60 -8.76 12.75
C ALA A 226 -9.88 -7.39 12.69
N ALA A 227 -9.04 -7.17 11.68
CA ALA A 227 -8.32 -5.92 11.53
C ALA A 227 -9.29 -4.75 11.37
N ALA A 228 -10.30 -4.93 10.52
CA ALA A 228 -11.35 -3.96 10.29
C ALA A 228 -12.17 -3.68 11.54
N THR A 229 -12.69 -4.75 12.14
CA THR A 229 -13.56 -4.67 13.30
C THR A 229 -12.85 -4.13 14.55
N LEU A 230 -11.67 -4.66 14.86
CA LEU A 230 -10.98 -4.28 16.08
C LEU A 230 -10.37 -2.89 16.00
N SER A 231 -9.80 -2.53 14.84
CA SER A 231 -9.31 -1.16 14.65
C SER A 231 -10.45 -0.13 14.73
N HIS A 232 -11.59 -0.44 14.12
CA HIS A 232 -12.74 0.47 14.19
C HIS A 232 -13.12 0.69 15.64
N ARG A 233 -13.24 -0.42 16.37
CA ARG A 233 -13.72 -0.41 17.73
C ARG A 233 -12.74 0.22 18.73
N TYR A 234 -11.46 -0.10 18.61
CA TYR A 234 -10.47 0.23 19.66
C TYR A 234 -9.43 1.31 19.32
N ILE A 235 -9.23 1.59 18.05
CA ILE A 235 -8.19 2.57 17.64
C ILE A 235 -8.89 3.80 17.04
N THR A 236 -9.56 4.53 17.92
CA THR A 236 -10.42 5.64 17.51
C THR A 236 -9.67 6.87 16.99
N GLU A 237 -8.39 6.99 17.31
CA GLU A 237 -7.65 8.21 16.97
C GLU A 237 -7.08 8.18 15.55
N ARG A 238 -7.37 7.09 14.82
CA ARG A 238 -6.97 6.93 13.43
C ARG A 238 -8.15 6.44 12.60
N ARG A 239 -8.01 6.48 11.28
CA ARG A 239 -9.13 6.24 10.36
C ARG A 239 -9.03 4.97 9.52
N LEU A 240 -10.19 4.36 9.28
CA LEU A 240 -10.32 3.32 8.27
C LEU A 240 -10.19 3.96 6.89
N PRO A 241 -9.65 3.22 5.90
CA PRO A 241 -9.11 1.85 6.03
C PRO A 241 -7.63 1.79 6.45
N ASP A 242 -6.97 2.94 6.58
CA ASP A 242 -5.54 3.02 6.88
C ASP A 242 -5.14 2.16 8.08
N LYS A 243 -5.80 2.36 9.22
CA LYS A 243 -5.44 1.63 10.44
C LYS A 243 -5.63 0.10 10.31
N ALA A 244 -6.66 -0.32 9.58
CA ALA A 244 -6.89 -1.75 9.35
C ALA A 244 -5.79 -2.34 8.46
N ILE A 245 -5.47 -1.65 7.36
CA ILE A 245 -4.35 -2.03 6.48
C ILE A 245 -3.02 -2.13 7.28
N ASP A 246 -2.78 -1.13 8.12
CA ASP A 246 -1.57 -1.09 8.94
CA ASP A 246 -1.60 -1.08 8.97
C ASP A 246 -1.48 -2.31 9.87
N LEU A 247 -2.60 -2.73 10.46
CA LEU A 247 -2.65 -3.92 11.33
C LEU A 247 -2.26 -5.21 10.61
N ILE A 248 -2.79 -5.37 9.40
CA ILE A 248 -2.49 -6.52 8.54
C ILE A 248 -1.02 -6.52 8.11
N ASP A 249 -0.54 -5.35 7.70
CA ASP A 249 0.83 -5.14 7.24
C ASP A 249 1.83 -5.48 8.35
N GLU A 250 1.57 -4.95 9.53
CA GLU A 250 2.42 -5.24 10.68
CA GLU A 250 2.39 -5.23 10.70
C GLU A 250 2.37 -6.73 11.04
N ALA A 251 1.17 -7.31 11.04
CA ALA A 251 1.03 -8.74 11.38
C ALA A 251 1.75 -9.64 10.36
N ALA A 252 1.68 -9.27 9.08
CA ALA A 252 2.40 -10.01 8.04
C ALA A 252 3.92 -9.85 8.18
N ALA A 253 4.39 -8.63 8.48
CA ALA A 253 5.83 -8.37 8.67
C ALA A 253 6.42 -9.13 9.86
N ARG A 254 5.62 -9.27 10.91
CA ARG A 254 6.05 -9.95 12.12
C ARG A 254 6.05 -11.46 11.91
N LEU A 255 5.08 -11.97 11.17
CA LEU A 255 5.08 -13.39 10.83
C LEU A 255 6.27 -13.72 9.93
N ARG A 256 6.56 -12.85 8.95
CA ARG A 256 7.73 -13.01 8.11
C ARG A 256 9.00 -13.06 8.96
N MET A 257 9.17 -12.07 9.84
CA MET A 257 10.32 -12.05 10.76
C MET A 257 10.38 -13.30 11.64
N ALA A 258 9.26 -13.72 12.22
CA ALA A 258 9.23 -14.97 13.01
C ALA A 258 9.64 -16.22 12.20
N LEU A 259 9.25 -16.25 10.94
CA LEU A 259 9.61 -17.36 10.04
C LEU A 259 11.11 -17.41 9.73
N GLU A 260 11.77 -16.25 9.77
CA GLU A 260 13.21 -16.17 9.55
C GLU A 260 14.01 -16.70 10.74
N SER A 261 13.51 -16.47 11.95
CA SER A 261 14.16 -16.89 13.20
C SER A 261 13.95 -18.38 13.49
N ALA A 262 14.77 -18.91 14.39
CA ALA A 262 14.65 -20.30 14.84
C ALA A 262 13.28 -20.51 15.51
N PRO A 263 12.59 -21.62 15.17
CA PRO A 263 11.30 -21.93 15.80
C PRO A 263 11.45 -22.20 17.29
N GLU A 264 10.40 -21.88 18.05
CA GLU A 264 10.43 -22.01 19.52
C GLU A 264 10.68 -23.43 20.01
N GLU A 265 10.23 -24.43 19.25
CA GLU A 265 10.35 -25.84 19.65
C GLU A 265 11.80 -26.31 19.60
N ILE A 266 12.53 -25.92 18.57
CA ILE A 266 13.97 -26.17 18.44
C ILE A 266 14.73 -25.30 19.43
N ASP A 267 14.19 -24.12 19.70
CA ASP A 267 14.79 -23.18 20.64
C ASP A 267 14.68 -23.66 22.08
N ALA A 268 13.55 -24.28 22.41
CA ALA A 268 13.30 -24.88 23.72
C ALA A 268 14.29 -26.01 24.06
N LEU A 269 14.53 -26.91 23.11
CA LEU A 269 15.52 -27.97 23.28
C LEU A 269 16.90 -27.38 23.48
N GLU A 270 17.21 -26.37 22.68
CA GLU A 270 18.53 -25.74 22.69
C GLU A 270 18.88 -25.09 24.03
N ARG A 271 17.89 -24.43 24.65
CA ARG A 271 18.06 -23.82 25.97
C ARG A 271 18.12 -24.87 27.08
N LYS A 272 17.33 -25.94 26.93
CA LYS A 272 17.34 -27.06 27.87
C LYS A 272 18.70 -27.75 27.92
N LYS A 273 19.34 -27.84 26.75
CA LYS A 273 20.68 -28.39 26.58
C LYS A 273 21.72 -27.55 27.33
N LEU A 274 21.59 -26.22 27.19
CA LEU A 274 22.50 -25.27 27.83
C LEU A 274 22.49 -25.39 29.36
N GLN A 275 21.30 -25.58 29.93
CA GLN A 275 21.15 -25.79 31.38
C GLN A 275 21.92 -27.03 31.84
N LEU A 276 21.85 -28.09 31.04
CA LEU A 276 22.57 -29.32 31.34
C LEU A 276 24.07 -29.15 31.13
N GLU A 277 24.45 -28.26 30.21
CA GLU A 277 25.86 -27.90 30.00
C GLU A 277 26.44 -27.05 31.14
N ILE A 278 25.62 -26.17 31.71
CA ILE A 278 26.01 -25.37 32.86
C ILE A 278 26.02 -26.25 34.12
N GLU A 279 25.04 -27.14 34.23
CA GLU A 279 24.95 -28.09 35.34
C GLU A 279 26.12 -29.07 35.35
N ARG A 280 26.64 -29.42 34.17
CA ARG A 280 27.80 -30.32 34.09
C ARG A 280 29.10 -29.66 34.54
N GLU A 281 29.14 -28.32 34.50
CA GLU A 281 30.28 -27.55 35.01
C GLU A 281 30.38 -27.64 36.52
N ALA A 282 29.23 -27.74 37.18
CA ALA A 282 29.17 -27.90 38.63
C ALA A 282 29.76 -29.25 39.08
N LEU A 283 29.26 -30.34 38.51
CA LEU A 283 29.72 -31.69 38.86
C LEU A 283 31.15 -31.95 38.41
N SER A 291 27.86 -38.85 42.76
CA SER A 291 27.71 -37.78 41.77
C SER A 291 28.03 -38.20 40.34
N GLN A 292 28.75 -39.31 40.20
CA GLN A 292 29.14 -39.87 38.89
C GLN A 292 27.94 -40.32 38.06
N GLU A 293 26.95 -40.91 38.71
CA GLU A 293 25.70 -41.33 38.07
C GLU A 293 24.89 -40.13 37.55
N ARG A 294 25.00 -39.00 38.26
CA ARG A 294 24.35 -37.77 37.84
C ARG A 294 25.03 -37.14 36.63
N LEU A 295 26.35 -37.32 36.51
CA LEU A 295 27.10 -36.88 35.33
C LEU A 295 26.75 -37.68 34.08
N LYS A 296 26.84 -39.01 34.19
CA LYS A 296 26.60 -39.91 33.04
C LYS A 296 25.18 -39.82 32.48
N ALA A 297 24.21 -39.52 33.35
CA ALA A 297 22.81 -39.37 32.94
C ALA A 297 22.58 -38.09 32.15
N ILE A 298 23.30 -37.03 32.50
CA ILE A 298 23.15 -35.73 31.81
C ILE A 298 24.00 -35.62 30.55
N GLU A 299 25.17 -36.26 30.54
CA GLU A 299 26.01 -36.36 29.35
C GLU A 299 25.22 -37.07 28.25
N ALA A 300 24.50 -38.12 28.65
CA ALA A 300 23.65 -38.89 27.74
C ALA A 300 22.43 -38.10 27.28
N GLU A 301 21.97 -37.18 28.13
CA GLU A 301 20.84 -36.31 27.82
C GLU A 301 21.22 -35.17 26.87
N ILE A 302 22.44 -34.64 27.04
CA ILE A 302 23.00 -33.62 26.13
C ILE A 302 23.17 -34.16 24.71
N ALA A 303 23.63 -35.41 24.60
CA ALA A 303 23.78 -36.09 23.30
C ALA A 303 22.43 -36.32 22.61
N LYS A 304 21.43 -36.71 23.38
CA LYS A 304 20.07 -36.90 22.87
C LYS A 304 19.47 -35.60 22.35
N LEU A 305 19.70 -34.50 23.05
CA LEU A 305 19.21 -33.18 22.64
C LEU A 305 19.94 -32.67 21.41
N THR A 306 21.25 -32.87 21.38
CA THR A 306 22.06 -32.56 20.20
C THR A 306 21.52 -33.31 18.97
N GLU A 307 21.27 -34.61 19.14
CA GLU A 307 20.72 -35.45 18.09
C GLU A 307 19.32 -34.99 17.65
N GLU A 308 18.47 -34.69 18.62
CA GLU A 308 17.12 -34.18 18.34
C GLU A 308 17.11 -32.84 17.59
N ILE A 309 17.98 -31.93 18.00
CA ILE A 309 18.13 -30.63 17.34
C ILE A 309 18.53 -30.83 15.87
N ALA A 310 19.52 -31.70 15.66
CA ALA A 310 19.94 -32.08 14.30
C ALA A 310 18.77 -32.53 13.42
N LYS A 311 17.87 -33.35 13.96
CA LYS A 311 16.76 -33.91 13.17
C LYS A 311 15.73 -32.87 12.79
N LEU A 312 15.36 -32.04 13.77
CA LEU A 312 14.37 -30.99 13.60
C LEU A 312 14.87 -29.85 12.72
N ARG A 313 16.17 -29.56 12.79
CA ARG A 313 16.77 -28.54 11.93
C ARG A 313 16.72 -28.92 10.45
N ALA A 314 16.99 -30.19 10.14
CA ALA A 314 16.87 -30.71 8.78
C ALA A 314 15.42 -30.66 8.28
N GLU A 315 14.49 -31.03 9.15
CA GLU A 315 13.07 -30.98 8.84
C GLU A 315 12.63 -29.53 8.59
N TRP A 316 13.18 -28.60 9.38
CA TRP A 316 12.90 -27.18 9.20
C TRP A 316 13.46 -26.63 7.88
N GLU A 317 14.69 -26.98 7.53
CA GLU A 317 15.25 -26.63 6.22
C GLU A 317 14.36 -27.09 5.06
N ARG A 318 13.80 -28.29 5.17
CA ARG A 318 12.87 -28.83 4.17
C ARG A 318 11.65 -27.92 4.04
N GLU A 319 10.99 -27.66 5.16
CA GLU A 319 9.85 -26.75 5.20
C GLU A 319 10.18 -25.37 4.65
N ARG A 320 11.36 -24.86 5.00
CA ARG A 320 11.83 -23.56 4.49
C ARG A 320 11.97 -23.52 2.97
N GLU A 321 12.38 -24.63 2.38
CA GLU A 321 12.50 -24.69 0.92
C GLU A 321 11.17 -24.82 0.17
N ILE A 322 10.18 -25.47 0.77
CA ILE A 322 8.80 -25.39 0.29
C ILE A 322 8.24 -23.96 0.39
N LEU A 323 8.61 -23.26 1.47
CA LEU A 323 8.20 -21.87 1.64
C LEU A 323 8.85 -20.99 0.55
N ARG A 324 10.14 -21.17 0.30
CA ARG A 324 10.80 -20.48 -0.81
C ARG A 324 10.07 -20.70 -2.16
N LYS A 325 9.74 -21.95 -2.49
CA LYS A 325 9.03 -22.26 -3.74
C LYS A 325 7.67 -21.59 -3.80
N LEU A 326 6.94 -21.62 -2.68
CA LEU A 326 5.66 -20.93 -2.60
C LEU A 326 5.82 -19.44 -2.90
N ARG A 327 6.84 -18.84 -2.30
CA ARG A 327 7.14 -17.43 -2.49
C ARG A 327 7.49 -17.04 -3.93
N GLU A 328 8.25 -17.91 -4.61
CA GLU A 328 8.56 -17.72 -6.02
C GLU A 328 7.27 -17.81 -6.84
N ALA A 329 6.45 -18.81 -6.55
CA ALA A 329 5.15 -18.97 -7.21
C ALA A 329 4.24 -17.75 -6.98
N GLN A 330 4.24 -17.19 -5.77
CA GLN A 330 3.46 -15.97 -5.48
C GLN A 330 3.89 -14.81 -6.36
N HIS A 331 5.20 -14.59 -6.45
CA HIS A 331 5.73 -13.47 -7.23
CA HIS A 331 5.74 -13.49 -7.23
C HIS A 331 5.38 -13.63 -8.71
N ARG A 332 5.54 -14.83 -9.25
CA ARG A 332 5.16 -15.10 -10.64
C ARG A 332 3.67 -14.87 -10.91
N LEU A 333 2.82 -15.33 -10.00
CA LEU A 333 1.38 -15.15 -10.11
C LEU A 333 1.01 -13.67 -10.18
N ASP A 334 1.68 -12.86 -9.34
CA ASP A 334 1.45 -11.42 -9.26
C ASP A 334 1.84 -10.71 -10.57
N GLU A 335 2.94 -11.14 -11.18
CA GLU A 335 3.33 -10.59 -12.48
C GLU A 335 2.37 -11.00 -13.60
N VAL A 336 1.89 -12.24 -13.56
CA VAL A 336 0.98 -12.73 -14.60
C VAL A 336 -0.33 -11.92 -14.56
N ARG A 337 -0.86 -11.67 -13.37
CA ARG A 337 -2.05 -10.80 -13.22
C ARG A 337 -1.83 -9.40 -13.78
N ARG A 338 -0.68 -8.79 -13.51
CA ARG A 338 -0.36 -7.49 -14.09
C ARG A 338 -0.30 -7.56 -15.63
N GLU A 339 0.32 -8.62 -16.16
CA GLU A 339 0.38 -8.85 -17.61
C GLU A 339 -1.01 -9.01 -18.23
N ILE A 340 -1.89 -9.72 -17.55
CA ILE A 340 -3.29 -9.86 -17.97
C ILE A 340 -4.01 -8.51 -17.98
N GLU A 341 -3.92 -7.79 -16.85
CA GLU A 341 -4.53 -6.47 -16.74
C GLU A 341 -4.05 -5.58 -17.89
N LEU A 342 -2.74 -5.54 -18.09
CA LEU A 342 -2.14 -4.74 -19.17
C LEU A 342 -2.63 -5.17 -20.55
N ALA A 343 -2.68 -6.48 -20.82
CA ALA A 343 -3.15 -6.95 -22.12
C ALA A 343 -4.61 -6.54 -22.36
N GLU A 344 -5.43 -6.64 -21.32
CA GLU A 344 -6.84 -6.28 -21.43
C GLU A 344 -7.04 -4.83 -21.76
N ARG A 345 -6.25 -3.95 -21.14
CA ARG A 345 -6.35 -2.51 -21.37
C ARG A 345 -5.93 -2.18 -22.79
N GLN A 346 -4.98 -2.94 -23.33
CA GLN A 346 -4.50 -2.72 -24.69
C GLN A 346 -5.36 -3.39 -25.75
N TYR A 347 -6.35 -4.16 -25.29
CA TYR A 347 -7.18 -4.97 -26.17
C TYR A 347 -6.36 -5.98 -27.00
N ASP A 348 -5.26 -6.46 -26.42
CA ASP A 348 -4.52 -7.59 -26.98
C ASP A 348 -5.18 -8.83 -26.44
N LEU A 349 -6.25 -9.23 -27.12
CA LEU A 349 -7.13 -10.28 -26.62
C LEU A 349 -6.51 -11.67 -26.68
N ASN A 350 -5.62 -11.89 -27.66
CA ASN A 350 -4.85 -13.14 -27.76
C ASN A 350 -3.98 -13.33 -26.53
N ARG A 351 -3.23 -12.28 -26.16
CA ARG A 351 -2.29 -12.36 -25.04
C ARG A 351 -3.03 -12.58 -23.73
N ALA A 352 -4.10 -11.81 -23.50
CA ALA A 352 -4.92 -11.98 -22.30
C ALA A 352 -5.43 -13.42 -22.12
N ALA A 353 -5.97 -14.01 -23.18
CA ALA A 353 -6.47 -15.40 -23.16
C ALA A 353 -5.35 -16.43 -23.00
N GLU A 354 -4.22 -16.18 -23.65
CA GLU A 354 -3.05 -17.04 -23.53
C GLU A 354 -2.66 -17.19 -22.07
N LEU A 355 -2.68 -16.08 -21.33
CA LEU A 355 -2.33 -16.11 -19.90
C LEU A 355 -3.46 -16.60 -18.99
N ARG A 356 -4.69 -16.14 -19.25
CA ARG A 356 -5.84 -16.52 -18.44
C ARG A 356 -6.16 -18.02 -18.50
N TYR A 357 -5.89 -18.67 -19.62
CA TYR A 357 -6.23 -20.08 -19.72
C TYR A 357 -5.03 -21.00 -19.64
N GLY A 358 -3.85 -20.40 -19.46
CA GLY A 358 -2.61 -21.18 -19.40
C GLY A 358 -1.84 -20.96 -18.11
N GLU A 359 -0.97 -19.96 -18.11
CA GLU A 359 -0.06 -19.72 -17.01
C GLU A 359 -0.78 -19.36 -15.71
N LEU A 360 -1.89 -18.62 -15.81
CA LEU A 360 -2.64 -18.20 -14.61
C LEU A 360 -3.20 -19.36 -13.77
N PRO A 361 -4.01 -20.26 -14.38
CA PRO A 361 -4.49 -21.38 -13.57
C PRO A 361 -3.37 -22.33 -13.15
N LYS A 362 -2.27 -22.38 -13.90
CA LYS A 362 -1.13 -23.21 -13.47
C LYS A 362 -0.51 -22.64 -12.20
N LEU A 363 -0.23 -21.34 -12.19
CA LEU A 363 0.40 -20.69 -11.04
C LEU A 363 -0.53 -20.65 -9.83
N GLU A 364 -1.82 -20.42 -10.06
CA GLU A 364 -2.83 -20.49 -9.01
C GLU A 364 -2.89 -21.85 -8.31
N ALA A 365 -2.83 -22.94 -9.08
CA ALA A 365 -2.83 -24.30 -8.52
C ALA A 365 -1.53 -24.61 -7.76
N GLU A 366 -0.39 -24.15 -8.30
CA GLU A 366 0.87 -24.28 -7.58
C GLU A 366 0.86 -23.55 -6.22
N VAL A 367 0.39 -22.32 -6.21
CA VAL A 367 0.28 -21.53 -4.97
C VAL A 367 -0.63 -22.23 -3.95
N GLU A 368 -1.79 -22.71 -4.40
CA GLU A 368 -2.71 -23.41 -3.49
C GLU A 368 -2.15 -24.72 -2.97
N ALA A 369 -1.50 -25.49 -3.86
CA ALA A 369 -0.98 -26.78 -3.46
C ALA A 369 0.20 -26.66 -2.48
N LEU A 370 1.09 -25.69 -2.71
CA LEU A 370 2.21 -25.50 -1.79
C LEU A 370 1.74 -24.96 -0.45
N SER A 371 0.77 -24.04 -0.47
CA SER A 371 0.09 -23.55 0.75
C SER A 371 -0.51 -24.70 1.55
N GLU A 372 -1.23 -25.60 0.87
CA GLU A 372 -1.81 -26.77 1.55
C GLU A 372 -0.75 -27.66 2.16
N LYS A 373 0.38 -27.80 1.47
CA LYS A 373 1.50 -28.58 2.00
C LYS A 373 2.00 -28.00 3.32
N LEU A 374 2.07 -26.67 3.40
CA LEU A 374 2.53 -26.01 4.60
C LEU A 374 1.51 -25.99 5.75
N ARG A 375 0.24 -26.29 5.48
CA ARG A 375 -0.77 -26.41 6.55
C ARG A 375 -0.48 -27.52 7.55
N GLY A 376 0.13 -28.60 7.08
CA GLY A 376 0.61 -29.65 7.97
C GLY A 376 2.12 -29.54 8.18
N ALA A 377 2.58 -28.35 8.54
CA ALA A 377 4.00 -28.16 8.78
C ALA A 377 4.26 -28.05 10.27
N ARG A 378 5.38 -28.63 10.68
CA ARG A 378 5.75 -28.64 12.08
C ARG A 378 6.16 -27.25 12.55
N PHE A 379 6.92 -26.53 11.73
CA PHE A 379 7.55 -25.27 12.18
C PHE A 379 7.05 -24.02 11.46
N VAL A 380 6.71 -24.15 10.18
CA VAL A 380 6.24 -23.02 9.39
C VAL A 380 4.74 -22.81 9.56
N ARG A 381 4.38 -21.72 10.23
CA ARG A 381 2.98 -21.29 10.27
C ARG A 381 2.81 -20.18 9.24
N LEU A 382 2.13 -20.49 8.16
CA LEU A 382 2.14 -19.66 6.96
C LEU A 382 1.15 -18.49 6.99
N GLU A 383 0.07 -18.65 7.76
CA GLU A 383 -1.05 -17.73 7.67
C GLU A 383 -1.21 -16.82 8.89
N VAL A 384 -1.31 -15.52 8.62
CA VAL A 384 -1.73 -14.53 9.61
C VAL A 384 -3.18 -14.82 10.07
N THR A 385 -3.37 -14.85 11.39
CA THR A 385 -4.66 -15.22 12.00
C THR A 385 -5.27 -14.03 12.72
N GLU A 386 -6.56 -14.14 13.07
CA GLU A 386 -7.20 -13.13 13.91
C GLU A 386 -6.52 -13.01 15.28
N GLU A 387 -5.91 -14.11 15.76
CA GLU A 387 -5.11 -14.08 16.98
C GLU A 387 -3.93 -13.09 16.88
N ASP A 388 -3.22 -13.14 15.76
CA ASP A 388 -2.13 -12.19 15.49
C ASP A 388 -2.59 -10.74 15.55
N ILE A 389 -3.76 -10.48 14.93
CA ILE A 389 -4.34 -9.14 14.92
C ILE A 389 -4.71 -8.66 16.32
N ALA A 390 -5.36 -9.54 17.08
CA ALA A 390 -5.77 -9.20 18.45
C ALA A 390 -4.57 -8.82 19.32
N GLU A 391 -3.44 -9.50 19.11
CA GLU A 391 -2.23 -9.25 19.87
C GLU A 391 -1.65 -7.85 19.64
N ILE A 392 -1.57 -7.43 18.38
CA ILE A 392 -1.12 -6.06 18.06
C ILE A 392 -2.08 -5.00 18.66
N VAL A 393 -3.39 -5.23 18.49
CA VAL A 393 -4.43 -4.31 19.00
C VAL A 393 -4.38 -4.13 20.52
N SER A 394 -3.99 -5.18 21.26
CA SER A 394 -3.79 -5.05 22.70
C SER A 394 -2.71 -4.01 23.06
N ARG A 395 -1.62 -3.98 22.29
CA ARG A 395 -0.51 -3.04 22.52
C ARG A 395 -0.88 -1.60 22.17
#